data_9KQC
#
_entry.id   9KQC
#
_cell.length_a   1.00
_cell.length_b   1.00
_cell.length_c   1.00
_cell.angle_alpha   90.00
_cell.angle_beta   90.00
_cell.angle_gamma   90.00
#
_symmetry.space_group_name_H-M   'P 1'
#
loop_
_entity.id
_entity.type
_entity.pdbx_description
1 polymer 'Hyaluronan synthase'
2 polymer VNAR
3 non-polymer URIDINE-DIPHOSPHATE-N-ACETYLGLUCOSAMINE
4 non-polymer 'MANGANESE (II) ION'
#
loop_
_entity_poly.entity_id
_entity_poly.type
_entity_poly.pdbx_seq_one_letter_code
_entity_poly.pdbx_strand_id
1 'polypeptide(L)'
;MGTSWRTIVSANLFAVGGALLMLAPAIVGYVFQWNIGVSAVWGISVYGVFVLGFYIAQIVFSEFNRMRLSDWISLRPDNW
NATRVAVIIAGYREDPFMFKKCLESVRDSEYGNVARLICVIDGDEEEDLKMAEIYKQVYNDNVKKPGVVLCESENKNGST
IDSDVSKNICILQPHRGKRESLYTGFQLASMDPSVHAVVLIDSDTVLEKNAILEVVYPLSCDPNIKAVAGECKIWNTDTI
LSMLVSWRYFSAFNVERGAQSLWKTVQCVGGPLGAYTIDIINEIKDPWITQTFLGNKCTYGDDRRLTNEVLMRGKKIVYT
PFAVGWSDSPTNVMRYIVQQTRWSKSWCREIWYTLGSAWKHGFSGIYLAFECMYQIMYFFLVMYLFSYIAIKADIRAQTA
TVLVSTLVTIIKSSYLALRAKNLKAFYFVLYTYVYFFCMIPARITAMFTMFDIAWGTRGGNAKMTIGARVWLWAKQFLIT
YMWWAGVLAAGVYSIVDNWYFDWADIQYRFALVGICSYLVFVSIVLVIYLIGKITTWNYTPLQKELIEERYLHNASENAP
EVLEHHHHHH
;
A
2 'polypeptide(L)'
;HHHHHHSSGLVPRGSGMLEVLFQGPQRVEQTPTTTTKEAGESLTINCVLRDSACALDNTYWYFTKKGATKKESLSNGGRY
AETVNKASKSSSLRISDLRVEDSGTYHCKAYTAGIGCWNIFYEGGGTILTVK
;
B
#
loop_
_chem_comp.id
_chem_comp.type
_chem_comp.name
_chem_comp.formula
MN non-polymer 'MANGANESE (II) ION' 'Mn 2'
UD1 non-polymer URIDINE-DIPHOSPHATE-N-ACETYLGLUCOSAMINE 'C17 H27 N3 O17 P2'
#
# COMPACT_ATOMS: atom_id res chain seq x y z
N SER A 39 -3.62 36.96 20.51
CA SER A 39 -3.80 35.55 20.83
C SER A 39 -4.39 34.79 19.65
N ALA A 40 -5.65 35.12 19.31
CA ALA A 40 -6.31 34.45 18.20
C ALA A 40 -5.61 34.74 16.87
N VAL A 41 -5.18 36.00 16.67
CA VAL A 41 -4.48 36.35 15.44
C VAL A 41 -3.16 35.60 15.35
N TRP A 42 -2.42 35.52 16.45
CA TRP A 42 -1.17 34.76 16.44
C TRP A 42 -1.43 33.30 16.13
N GLY A 43 -2.47 32.72 16.74
CA GLY A 43 -2.77 31.32 16.51
C GLY A 43 -3.14 31.01 15.08
N ILE A 44 -4.02 31.82 14.50
CA ILE A 44 -4.39 31.60 13.12
C ILE A 44 -3.15 31.75 12.23
N SER A 45 -2.36 32.80 12.48
CA SER A 45 -1.18 33.03 11.65
C SER A 45 -0.25 31.83 11.68
N VAL A 46 0.05 31.30 12.88
CA VAL A 46 0.97 30.18 12.95
C VAL A 46 0.35 28.95 12.30
N TYR A 47 -0.96 28.75 12.48
CA TYR A 47 -1.62 27.63 11.82
C TYR A 47 -1.48 27.71 10.31
N GLY A 48 -1.76 28.88 9.73
CA GLY A 48 -1.67 29.02 8.30
C GLY A 48 -0.26 28.82 7.78
N VAL A 49 0.72 29.47 8.41
CA VAL A 49 2.10 29.36 7.97
C VAL A 49 2.58 27.93 8.09
N PHE A 50 2.26 27.28 9.22
CA PHE A 50 2.71 25.91 9.47
C PHE A 50 2.12 24.94 8.45
N VAL A 51 0.80 25.02 8.22
CA VAL A 51 0.17 24.10 7.26
C VAL A 51 0.73 24.33 5.87
N LEU A 52 0.82 25.59 5.43
CA LEU A 52 1.32 25.86 4.08
C LEU A 52 2.77 25.45 3.92
N GLY A 53 3.58 25.68 4.95
CA GLY A 53 4.98 25.30 4.86
C GLY A 53 5.15 23.80 4.73
N PHE A 54 4.43 23.04 5.56
CA PHE A 54 4.52 21.59 5.44
C PHE A 54 4.00 21.10 4.10
N TYR A 55 2.89 21.68 3.62
CA TYR A 55 2.36 21.25 2.33
C TYR A 55 3.34 21.55 1.21
N ILE A 56 3.97 22.72 1.24
CA ILE A 56 4.93 23.08 0.19
C ILE A 56 6.15 22.15 0.24
N ALA A 57 6.63 21.84 1.45
CA ALA A 57 7.75 20.92 1.58
C ALA A 57 7.37 19.55 1.03
N GLN A 58 6.17 19.07 1.35
CA GLN A 58 5.72 17.79 0.82
C GLN A 58 5.60 17.84 -0.70
N ILE A 59 5.18 19.00 -1.23
CA ILE A 59 5.02 19.15 -2.66
C ILE A 59 6.35 19.03 -3.37
N VAL A 60 7.36 19.76 -2.88
CA VAL A 60 8.67 19.72 -3.54
C VAL A 60 9.30 18.35 -3.36
N PHE A 61 9.08 17.71 -2.20
CA PHE A 61 9.58 16.36 -2.01
C PHE A 61 8.96 15.39 -3.00
N SER A 62 7.65 15.46 -3.20
CA SER A 62 6.97 14.56 -4.12
C SER A 62 7.40 14.83 -5.56
N GLU A 63 7.60 16.11 -5.91
CA GLU A 63 8.06 16.42 -7.26
C GLU A 63 9.47 15.88 -7.50
N PHE A 64 10.34 15.99 -6.49
CA PHE A 64 11.67 15.39 -6.62
C PHE A 64 11.57 13.88 -6.76
N ASN A 65 10.67 13.25 -6.02
CA ASN A 65 10.46 11.81 -6.16
C ASN A 65 10.01 11.45 -7.56
N ARG A 66 9.06 12.22 -8.11
CA ARG A 66 8.59 11.96 -9.46
C ARG A 66 9.70 12.14 -10.48
N MET A 67 10.52 13.18 -10.31
CA MET A 67 11.64 13.38 -11.22
C MET A 67 12.63 12.22 -11.14
N ARG A 68 12.91 11.74 -9.94
CA ARG A 68 13.82 10.60 -9.80
C ARG A 68 13.23 9.36 -10.47
N LEU A 69 11.93 9.12 -10.28
CA LEU A 69 11.29 7.97 -10.92
C LEU A 69 11.33 8.09 -12.44
N SER A 70 11.09 9.29 -12.96
CA SER A 70 11.14 9.48 -14.42
C SER A 70 12.55 9.25 -14.94
N ASP A 71 13.56 9.75 -14.23
CA ASP A 71 14.94 9.51 -14.64
C ASP A 71 15.28 8.03 -14.61
N TRP A 72 14.79 7.32 -13.59
CA TRP A 72 15.01 5.88 -13.50
C TRP A 72 14.35 5.15 -14.65
N ILE A 73 13.12 5.54 -14.99
CA ILE A 73 12.40 4.88 -16.08
C ILE A 73 13.08 5.17 -17.42
N SER A 74 13.66 6.36 -17.56
CA SER A 74 14.26 6.76 -18.82
C SER A 74 15.34 5.79 -19.30
N LEU A 75 16.03 5.11 -18.39
CA LEU A 75 17.06 4.16 -18.77
C LEU A 75 16.57 2.71 -18.73
N ARG A 76 15.27 2.49 -18.59
CA ARG A 76 14.73 1.14 -18.63
C ARG A 76 14.84 0.57 -20.03
N PRO A 77 15.42 -0.61 -20.21
CA PRO A 77 15.43 -1.23 -21.55
C PRO A 77 14.01 -1.59 -21.98
N ASP A 78 13.80 -1.56 -23.29
CA ASP A 78 12.50 -1.87 -23.84
C ASP A 78 12.18 -3.35 -23.68
N ASN A 79 10.88 -3.67 -23.58
CA ASN A 79 10.39 -5.02 -23.41
C ASN A 79 11.03 -5.69 -22.18
N TRP A 80 11.20 -4.90 -21.13
CA TRP A 80 11.87 -5.37 -19.92
C TRP A 80 10.91 -6.27 -19.15
N ASN A 81 11.30 -7.53 -18.98
CA ASN A 81 10.52 -8.49 -18.19
C ASN A 81 11.46 -9.35 -17.36
N ALA A 82 12.50 -8.73 -16.80
CA ALA A 82 13.51 -9.50 -16.07
C ALA A 82 12.94 -10.15 -14.82
N THR A 83 12.02 -9.47 -14.13
CA THR A 83 11.50 -9.94 -12.86
C THR A 83 10.34 -10.89 -13.10
N ARG A 84 10.36 -12.06 -12.45
CA ARG A 84 9.23 -12.97 -12.45
C ARG A 84 8.33 -12.63 -11.26
N VAL A 85 7.05 -12.38 -11.55
CA VAL A 85 6.11 -11.87 -10.56
C VAL A 85 4.92 -12.82 -10.46
N ALA A 86 4.56 -13.17 -9.22
CA ALA A 86 3.34 -13.90 -8.93
C ALA A 86 2.37 -12.98 -8.21
N VAL A 87 1.30 -12.59 -8.90
CA VAL A 87 0.32 -11.66 -8.37
C VAL A 87 -0.59 -12.42 -7.42
N ILE A 88 -1.11 -11.71 -6.41
CA ILE A 88 -1.92 -12.32 -5.36
C ILE A 88 -3.22 -11.54 -5.25
N ILE A 89 -4.34 -12.25 -5.24
CA ILE A 89 -5.66 -11.67 -5.04
C ILE A 89 -6.20 -12.17 -3.70
N ALA A 90 -6.89 -11.29 -2.98
CA ALA A 90 -7.55 -11.65 -1.73
C ALA A 90 -8.90 -10.96 -1.69
N GLY A 91 -9.95 -11.73 -1.44
CA GLY A 91 -11.28 -11.17 -1.47
C GLY A 91 -12.25 -11.96 -0.62
N TYR A 92 -13.38 -11.32 -0.31
CA TYR A 92 -14.41 -11.94 0.50
C TYR A 92 -15.72 -11.22 0.20
N ARG A 93 -16.69 -11.95 -0.36
CA ARG A 93 -18.02 -11.42 -0.64
C ARG A 93 -17.95 -10.21 -1.57
N GLU A 94 -17.02 -10.25 -2.52
CA GLU A 94 -16.90 -9.16 -3.47
C GLU A 94 -18.02 -9.24 -4.51
N ASP A 95 -18.33 -8.09 -5.11
CA ASP A 95 -19.32 -8.04 -6.16
C ASP A 95 -18.85 -8.87 -7.35
N PRO A 96 -19.68 -9.77 -7.89
CA PRO A 96 -19.23 -10.59 -9.02
C PRO A 96 -18.79 -9.79 -10.23
N PHE A 97 -19.49 -8.70 -10.55
CA PHE A 97 -19.12 -7.91 -11.72
C PHE A 97 -17.77 -7.23 -11.52
N MET A 98 -17.57 -6.62 -10.36
CA MET A 98 -16.28 -5.98 -10.08
C MET A 98 -15.17 -7.01 -10.05
N PHE A 99 -15.43 -8.19 -9.50
CA PHE A 99 -14.43 -9.24 -9.49
C PHE A 99 -14.06 -9.67 -10.90
N LYS A 100 -15.07 -9.83 -11.77
CA LYS A 100 -14.80 -10.20 -13.15
C LYS A 100 -13.97 -9.13 -13.85
N LYS A 101 -14.30 -7.86 -13.62
CA LYS A 101 -13.51 -6.79 -14.21
C LYS A 101 -12.08 -6.79 -13.69
N CYS A 102 -11.90 -7.08 -12.40
CA CYS A 102 -10.55 -7.12 -11.83
C CYS A 102 -9.73 -8.22 -12.47
N LEU A 103 -10.31 -9.42 -12.61
CA LEU A 103 -9.57 -10.51 -13.27
C LEU A 103 -9.33 -10.21 -14.74
N GLU A 104 -10.27 -9.56 -15.41
CA GLU A 104 -10.05 -9.16 -16.80
C GLU A 104 -8.87 -8.20 -16.91
N SER A 105 -8.79 -7.23 -16.01
CA SER A 105 -7.67 -6.31 -16.01
C SER A 105 -6.37 -7.03 -15.71
N VAL A 106 -6.39 -7.96 -14.76
CA VAL A 106 -5.18 -8.71 -14.41
C VAL A 106 -4.67 -9.50 -15.60
N ARG A 107 -5.57 -10.21 -16.28
CA ARG A 107 -5.15 -10.96 -17.47
C ARG A 107 -4.65 -10.02 -18.56
N ASP A 108 -5.31 -8.88 -18.73
CA ASP A 108 -4.98 -7.96 -19.81
C ASP A 108 -3.68 -7.21 -19.57
N SER A 109 -3.06 -7.37 -18.39
CA SER A 109 -1.80 -6.69 -18.11
C SER A 109 -0.73 -7.13 -19.10
N GLU A 110 0.13 -6.18 -19.48
CA GLU A 110 1.11 -6.41 -20.54
C GLU A 110 2.42 -7.00 -20.06
N TYR A 111 2.56 -7.26 -18.76
CA TYR A 111 3.80 -7.84 -18.27
C TYR A 111 3.95 -9.26 -18.81
N GLY A 112 5.13 -9.55 -19.36
CA GLY A 112 5.37 -10.83 -19.99
C GLY A 112 6.12 -11.83 -19.14
N ASN A 113 6.23 -11.55 -17.84
CA ASN A 113 6.96 -12.41 -16.92
C ASN A 113 6.17 -12.64 -15.65
N VAL A 114 4.90 -12.98 -15.80
CA VAL A 114 4.03 -13.32 -14.68
C VAL A 114 4.04 -14.84 -14.53
N ALA A 115 4.54 -15.31 -13.39
CA ALA A 115 4.67 -16.75 -13.18
C ALA A 115 3.30 -17.41 -13.09
N ARG A 116 2.43 -16.89 -12.25
CA ARG A 116 1.13 -17.50 -12.01
C ARG A 116 0.26 -16.50 -11.27
N LEU A 117 -1.04 -16.77 -11.25
CA LEU A 117 -2.00 -16.01 -10.46
C LEU A 117 -2.46 -16.89 -9.32
N ILE A 118 -2.33 -16.38 -8.10
CA ILE A 118 -2.76 -17.09 -6.90
C ILE A 118 -4.00 -16.40 -6.37
N CYS A 119 -5.11 -17.14 -6.32
CA CYS A 119 -6.38 -16.60 -5.86
C CYS A 119 -6.71 -17.23 -4.51
N VAL A 120 -6.89 -16.39 -3.49
CA VAL A 120 -7.20 -16.83 -2.15
C VAL A 120 -8.51 -16.20 -1.73
N ILE A 121 -9.47 -17.01 -1.29
CA ILE A 121 -10.73 -16.49 -0.79
C ILE A 121 -11.14 -17.23 0.48
N ASP A 122 -11.22 -16.51 1.58
CA ASP A 122 -11.64 -17.13 2.84
C ASP A 122 -13.13 -17.45 2.78
N GLY A 123 -13.48 -18.54 2.11
CA GLY A 123 -14.89 -18.86 1.94
C GLY A 123 -15.42 -20.13 2.53
N ASP A 124 -15.05 -21.27 1.96
CA ASP A 124 -15.59 -22.54 2.43
C ASP A 124 -17.08 -22.42 2.75
N GLU A 125 -17.82 -21.65 1.96
CA GLU A 125 -19.26 -21.50 2.17
C GLU A 125 -19.99 -21.50 0.84
N GLU A 126 -21.20 -22.06 0.83
CA GLU A 126 -21.93 -22.14 -0.44
C GLU A 126 -22.05 -20.78 -1.10
N GLU A 127 -22.19 -19.72 -0.30
CA GLU A 127 -22.31 -18.38 -0.87
C GLU A 127 -21.03 -17.98 -1.59
N ASP A 128 -19.87 -18.30 -1.02
CA ASP A 128 -18.60 -17.92 -1.61
C ASP A 128 -18.30 -18.66 -2.91
N LEU A 129 -19.08 -19.70 -3.23
CA LEU A 129 -18.86 -20.43 -4.47
C LEU A 129 -19.09 -19.57 -5.70
N LYS A 130 -19.82 -18.45 -5.56
CA LYS A 130 -19.98 -17.53 -6.68
C LYS A 130 -18.63 -16.95 -7.09
N MET A 131 -17.79 -16.60 -6.12
CA MET A 131 -16.45 -16.11 -6.43
C MET A 131 -15.64 -17.16 -7.17
N ALA A 132 -15.74 -18.41 -6.73
CA ALA A 132 -15.03 -19.50 -7.42
C ALA A 132 -15.54 -19.66 -8.84
N GLU A 133 -16.85 -19.57 -9.04
CA GLU A 133 -17.40 -19.66 -10.40
C GLU A 133 -16.88 -18.53 -11.26
N ILE A 134 -16.84 -17.31 -10.72
CA ILE A 134 -16.34 -16.16 -11.48
C ILE A 134 -14.88 -16.39 -11.87
N TYR A 135 -14.07 -16.88 -10.92
CA TYR A 135 -12.68 -17.15 -11.24
C TYR A 135 -12.56 -18.24 -12.29
N LYS A 136 -13.46 -19.23 -12.25
CA LYS A 136 -13.40 -20.31 -13.24
C LYS A 136 -13.74 -19.82 -14.63
N GLN A 137 -14.71 -18.90 -14.75
CA GLN A 137 -15.06 -18.41 -16.08
C GLN A 137 -13.98 -17.53 -16.70
N VAL A 138 -12.96 -17.14 -15.94
CA VAL A 138 -11.90 -16.29 -16.44
C VAL A 138 -10.59 -17.06 -16.59
N TYR A 139 -10.26 -17.90 -15.63
CA TYR A 139 -8.99 -18.61 -15.58
C TYR A 139 -9.22 -20.12 -15.58
N ASN A 140 -8.16 -20.87 -15.33
CA ASN A 140 -8.22 -22.32 -15.34
C ASN A 140 -9.28 -22.82 -14.36
N ASP A 141 -10.02 -23.84 -14.80
CA ASP A 141 -11.18 -24.30 -14.03
C ASP A 141 -10.79 -24.88 -12.69
N ASN A 142 -9.54 -25.31 -12.53
CA ASN A 142 -9.17 -26.01 -11.31
C ASN A 142 -9.19 -25.06 -10.12
N VAL A 143 -9.88 -25.49 -9.07
CA VAL A 143 -9.93 -24.76 -7.80
C VAL A 143 -9.84 -25.80 -6.68
N LYS A 144 -9.00 -25.53 -5.69
CA LYS A 144 -8.82 -26.44 -4.56
C LYS A 144 -9.45 -25.85 -3.30
N LYS A 145 -10.10 -26.71 -2.53
CA LYS A 145 -10.84 -26.29 -1.34
C LYS A 145 -10.32 -27.11 -0.16
N PRO A 146 -9.18 -26.71 0.39
CA PRO A 146 -8.68 -27.39 1.59
C PRO A 146 -9.55 -27.08 2.79
N GLY A 147 -9.70 -28.09 3.66
CA GLY A 147 -10.49 -27.93 4.84
C GLY A 147 -9.81 -27.00 5.85
N VAL A 148 -8.49 -26.95 5.82
CA VAL A 148 -7.65 -26.46 6.90
C VAL A 148 -6.92 -25.20 6.44
N VAL A 149 -6.65 -24.29 7.38
CA VAL A 149 -6.01 -23.01 7.11
C VAL A 149 -4.52 -23.17 7.38
N LEU A 150 -3.69 -22.67 6.44
CA LEU A 150 -2.25 -22.81 6.59
C LEU A 150 -1.73 -22.09 7.83
N CYS A 151 -2.36 -20.97 8.21
CA CYS A 151 -1.91 -20.24 9.39
C CYS A 151 -2.05 -21.08 10.66
N GLU A 152 -3.15 -21.81 10.79
CA GLU A 152 -3.39 -22.66 11.95
C GLU A 152 -2.87 -24.08 11.74
N SER A 153 -2.30 -24.37 10.58
CA SER A 153 -1.73 -25.67 10.28
C SER A 153 -0.40 -25.83 11.00
N GLU A 154 -0.12 -27.05 11.45
CA GLU A 154 1.19 -27.34 12.04
C GLU A 154 2.28 -27.27 10.98
N ASN A 155 1.93 -27.54 9.73
CA ASN A 155 2.84 -27.42 8.60
C ASN A 155 2.36 -26.25 7.75
N LYS A 156 3.13 -25.16 7.73
CA LYS A 156 2.75 -23.96 7.02
C LYS A 156 3.19 -23.96 5.56
N ASN A 157 3.91 -24.98 5.12
CA ASN A 157 4.22 -25.13 3.71
C ASN A 157 2.96 -25.43 2.92
N GLY A 158 2.85 -24.83 1.74
CA GLY A 158 1.68 -25.04 0.92
C GLY A 158 1.65 -26.34 0.16
N SER A 159 2.72 -27.14 0.26
CA SER A 159 2.77 -28.42 -0.44
C SER A 159 1.68 -29.37 0.06
N THR A 160 1.17 -29.14 1.27
CA THR A 160 0.03 -29.92 1.75
C THR A 160 -1.21 -29.64 0.90
N ILE A 161 -1.39 -28.40 0.45
CA ILE A 161 -2.59 -28.03 -0.30
C ILE A 161 -2.33 -27.87 -1.80
N ASP A 162 -1.08 -27.73 -2.22
CA ASP A 162 -0.76 -27.54 -3.62
C ASP A 162 0.34 -28.50 -4.06
N SER A 163 0.27 -28.93 -5.32
CA SER A 163 1.26 -29.83 -5.88
C SER A 163 1.88 -29.34 -7.18
N ASP A 164 1.21 -28.44 -7.91
CA ASP A 164 1.72 -27.92 -9.17
C ASP A 164 1.81 -26.41 -9.08
N VAL A 165 2.90 -25.85 -9.61
CA VAL A 165 3.12 -24.41 -9.56
C VAL A 165 2.85 -23.72 -10.90
N SER A 166 2.88 -24.45 -12.01
CA SER A 166 2.67 -23.82 -13.32
C SER A 166 1.27 -23.27 -13.45
N LYS A 167 0.26 -24.01 -13.00
CA LYS A 167 -1.13 -23.61 -13.18
C LYS A 167 -1.52 -22.58 -12.12
N ASN A 168 -2.40 -21.66 -12.51
CA ASN A 168 -2.98 -20.72 -11.57
C ASN A 168 -3.93 -21.45 -10.64
N ILE A 169 -3.84 -21.17 -9.34
CA ILE A 169 -4.54 -21.92 -8.32
C ILE A 169 -5.43 -20.97 -7.53
N CYS A 170 -6.65 -21.41 -7.25
CA CYS A 170 -7.58 -20.68 -6.40
C CYS A 170 -7.83 -21.50 -5.14
N ILE A 171 -7.81 -20.83 -3.99
CA ILE A 171 -7.96 -21.48 -2.69
C ILE A 171 -9.27 -21.06 -2.07
N LEU A 172 -10.05 -22.03 -1.61
CA LEU A 172 -11.21 -21.80 -0.77
C LEU A 172 -10.92 -22.34 0.62
N GLN A 173 -10.94 -21.46 1.60
CA GLN A 173 -10.59 -21.79 2.97
C GLN A 173 -11.61 -21.18 3.91
N PRO A 174 -11.74 -21.70 5.13
CA PRO A 174 -12.70 -21.12 6.08
C PRO A 174 -12.43 -19.66 6.34
N HIS A 175 -13.50 -18.90 6.53
CA HIS A 175 -13.40 -17.45 6.69
C HIS A 175 -12.63 -17.14 7.96
N ARG A 176 -11.38 -16.70 7.77
CA ARG A 176 -10.56 -16.31 8.90
C ARG A 176 -10.47 -14.80 8.92
N GLY A 177 -10.48 -14.17 7.74
CA GLY A 177 -10.45 -12.72 7.67
C GLY A 177 -9.51 -12.16 6.62
N LYS A 178 -8.42 -11.54 7.06
CA LYS A 178 -7.49 -10.93 6.13
C LYS A 178 -6.15 -11.61 6.14
N ARG A 179 -5.23 -11.10 6.93
CA ARG A 179 -3.89 -11.65 7.01
C ARG A 179 -3.81 -13.10 6.53
N GLU A 180 -4.45 -14.00 7.25
CA GLU A 180 -4.43 -15.40 6.89
C GLU A 180 -4.50 -15.62 5.38
N SER A 181 -5.57 -15.14 4.76
CA SER A 181 -5.72 -15.33 3.32
C SER A 181 -4.44 -14.93 2.60
N LEU A 182 -3.99 -13.71 2.84
CA LEU A 182 -2.75 -13.25 2.21
C LEU A 182 -1.64 -14.24 2.46
N TYR A 183 -1.46 -14.61 3.73
CA TYR A 183 -0.43 -15.57 4.06
C TYR A 183 -0.53 -16.78 3.15
N THR A 184 -1.70 -17.39 3.09
CA THR A 184 -1.88 -18.52 2.20
C THR A 184 -1.23 -18.22 0.87
N GLY A 185 -1.68 -17.16 0.21
CA GLY A 185 -1.10 -16.77 -1.05
C GLY A 185 0.41 -16.67 -0.96
N PHE A 186 0.90 -15.96 0.04
CA PHE A 186 2.34 -15.82 0.23
C PHE A 186 3.02 -17.16 0.11
N GLN A 187 2.57 -18.13 0.90
CA GLN A 187 3.15 -19.46 0.83
C GLN A 187 3.12 -19.94 -0.60
N LEU A 188 1.91 -20.00 -1.17
CA LEU A 188 1.76 -20.45 -2.55
C LEU A 188 2.70 -19.71 -3.49
N ALA A 189 2.95 -18.44 -3.22
CA ALA A 189 3.86 -17.67 -4.06
C ALA A 189 5.27 -18.17 -3.84
N SER A 190 5.78 -18.01 -2.63
CA SER A 190 7.12 -18.48 -2.31
C SER A 190 7.32 -19.88 -2.86
N MET A 191 6.29 -20.73 -2.75
CA MET A 191 6.38 -22.08 -3.28
C MET A 191 7.13 -22.03 -4.59
N ASP A 192 6.62 -21.26 -5.54
CA ASP A 192 7.31 -21.10 -6.81
C ASP A 192 8.55 -20.26 -6.57
N PRO A 193 9.72 -20.86 -6.82
CA PRO A 193 10.98 -20.13 -6.62
C PRO A 193 11.04 -18.90 -7.51
N SER A 194 10.74 -19.06 -8.78
CA SER A 194 10.82 -17.95 -9.73
C SER A 194 10.25 -16.66 -9.15
N VAL A 195 9.14 -16.76 -8.42
CA VAL A 195 8.57 -15.57 -7.81
C VAL A 195 9.67 -14.73 -7.20
N HIS A 196 9.91 -13.56 -7.76
CA HIS A 196 10.89 -12.64 -7.17
C HIS A 196 10.16 -11.55 -6.44
N ALA A 197 8.88 -11.38 -6.74
CA ALA A 197 8.09 -10.36 -6.07
C ALA A 197 6.61 -10.75 -6.11
N VAL A 198 5.82 -10.14 -5.24
CA VAL A 198 4.40 -10.46 -5.19
C VAL A 198 3.56 -9.20 -5.16
N VAL A 199 2.80 -8.96 -6.21
CA VAL A 199 1.92 -7.81 -6.25
C VAL A 199 0.62 -8.16 -5.53
N LEU A 200 0.33 -7.43 -4.47
CA LEU A 200 -0.88 -7.71 -3.71
C LEU A 200 -2.01 -6.83 -4.18
N ILE A 201 -3.11 -7.43 -4.59
CA ILE A 201 -4.24 -6.66 -5.10
C ILE A 201 -5.54 -7.04 -4.43
N ASP A 202 -6.34 -6.04 -4.09
CA ASP A 202 -7.64 -6.31 -3.47
C ASP A 202 -8.64 -6.75 -4.53
N SER A 203 -9.51 -7.67 -4.16
CA SER A 203 -10.53 -8.13 -5.09
C SER A 203 -11.16 -6.96 -5.81
N ASP A 204 -11.62 -5.97 -5.06
CA ASP A 204 -12.23 -4.80 -5.65
C ASP A 204 -11.19 -3.81 -6.15
N THR A 205 -10.44 -4.18 -7.18
CA THR A 205 -9.44 -3.28 -7.74
C THR A 205 -9.25 -3.46 -9.23
N VAL A 206 -9.41 -2.39 -9.99
CA VAL A 206 -9.18 -2.45 -11.42
C VAL A 206 -7.74 -2.08 -11.67
N LEU A 207 -7.03 -2.89 -12.43
CA LEU A 207 -5.61 -2.64 -12.64
C LEU A 207 -5.30 -2.27 -14.07
N GLU A 208 -4.11 -1.73 -14.29
CA GLU A 208 -3.72 -1.33 -15.64
C GLU A 208 -2.63 -2.27 -16.13
N LYS A 209 -2.65 -2.58 -17.41
CA LYS A 209 -1.64 -3.47 -17.98
C LYS A 209 -0.26 -3.04 -17.51
N ASN A 210 0.00 -1.74 -17.55
CA ASN A 210 1.33 -1.24 -17.16
C ASN A 210 1.54 -1.23 -15.66
N ALA A 211 0.49 -0.94 -14.89
CA ALA A 211 0.63 -0.84 -13.44
C ALA A 211 1.58 -1.88 -12.87
N ILE A 212 1.49 -3.11 -13.37
CA ILE A 212 2.34 -4.19 -12.88
C ILE A 212 3.81 -3.85 -13.05
N LEU A 213 4.29 -3.77 -14.29
CA LEU A 213 5.68 -3.48 -14.52
C LEU A 213 5.91 -2.20 -13.76
N GLU A 214 4.91 -1.32 -13.78
CA GLU A 214 5.09 -0.02 -13.13
C GLU A 214 5.37 -0.11 -11.63
N VAL A 215 4.94 -1.19 -10.97
CA VAL A 215 5.28 -1.36 -9.57
C VAL A 215 6.41 -2.37 -9.44
N VAL A 216 6.49 -3.30 -10.39
CA VAL A 216 7.56 -4.29 -10.36
C VAL A 216 8.70 -3.83 -11.24
N TYR A 217 9.33 -2.72 -10.86
CA TYR A 217 10.45 -2.20 -11.61
C TYR A 217 11.15 -1.08 -10.82
N PRO A 218 10.36 -0.17 -10.22
CA PRO A 218 10.98 0.86 -9.38
C PRO A 218 12.16 0.34 -8.57
N LEU A 219 11.99 -0.77 -7.86
CA LEU A 219 13.08 -1.23 -7.00
C LEU A 219 14.30 -1.74 -7.75
N SER A 220 14.16 -2.04 -9.04
CA SER A 220 15.32 -2.42 -9.82
C SER A 220 16.37 -1.37 -9.59
N CYS A 221 15.95 -0.12 -9.58
CA CYS A 221 16.88 0.98 -9.38
C CYS A 221 17.65 0.87 -8.08
N ASP A 222 16.97 0.58 -6.98
CA ASP A 222 17.64 0.51 -5.69
C ASP A 222 17.32 -0.78 -4.97
N PRO A 223 18.32 -1.69 -4.90
CA PRO A 223 18.11 -2.95 -4.20
C PRO A 223 17.35 -2.76 -2.90
N ASN A 224 17.81 -1.84 -2.06
CA ASN A 224 17.17 -1.64 -0.76
C ASN A 224 15.66 -1.60 -0.87
N ILE A 225 15.15 -0.92 -1.89
CA ILE A 225 13.71 -0.85 -2.06
C ILE A 225 13.22 -2.28 -1.92
N LYS A 226 12.30 -2.49 -0.98
CA LYS A 226 11.78 -3.84 -0.77
C LYS A 226 10.27 -3.80 -0.94
N ALA A 227 9.74 -2.61 -1.24
CA ALA A 227 8.31 -2.49 -1.43
C ALA A 227 7.96 -1.27 -2.26
N VAL A 228 7.00 -1.40 -3.16
CA VAL A 228 6.59 -0.29 -4.00
C VAL A 228 5.12 0.01 -3.85
N ALA A 229 4.80 1.18 -3.30
CA ALA A 229 3.40 1.57 -3.16
C ALA A 229 2.89 2.00 -4.53
N GLY A 230 1.75 1.47 -4.92
CA GLY A 230 1.19 1.80 -6.22
C GLY A 230 0.03 2.75 -6.11
N GLU A 231 0.08 3.84 -6.85
CA GLU A 231 -0.98 4.83 -6.79
C GLU A 231 -2.34 4.19 -7.04
N CYS A 232 -3.29 4.46 -6.16
CA CYS A 232 -4.64 3.95 -6.36
C CYS A 232 -5.60 5.10 -6.56
N LYS A 233 -6.63 4.89 -7.37
CA LYS A 233 -7.54 5.99 -7.67
C LYS A 233 -9.01 5.64 -7.47
N ILE A 234 -9.74 6.50 -6.80
CA ILE A 234 -11.16 6.27 -6.59
C ILE A 234 -11.90 6.60 -7.86
N TRP A 235 -12.45 5.59 -8.53
CA TRP A 235 -13.13 5.83 -9.79
C TRP A 235 -14.58 6.23 -9.56
N ASN A 236 -15.23 5.62 -8.59
CA ASN A 236 -16.60 6.01 -8.29
C ASN A 236 -16.59 7.43 -7.76
N THR A 237 -17.14 8.36 -8.54
CA THR A 237 -17.10 9.76 -8.14
C THR A 237 -18.45 10.45 -8.30
N ASP A 238 -19.49 9.66 -8.52
CA ASP A 238 -20.82 10.23 -8.68
C ASP A 238 -21.19 11.08 -7.48
N THR A 239 -21.20 10.47 -6.29
CA THR A 239 -21.52 11.22 -5.08
C THR A 239 -20.47 12.28 -4.81
N ILE A 240 -20.88 13.36 -4.16
CA ILE A 240 -19.92 14.39 -3.81
C ILE A 240 -18.91 13.81 -2.83
N LEU A 241 -19.36 12.93 -1.95
CA LEU A 241 -18.43 12.30 -1.01
C LEU A 241 -17.41 11.54 -1.80
N SER A 242 -17.87 10.64 -2.65
CA SER A 242 -16.95 9.86 -3.47
C SER A 242 -16.03 10.79 -4.23
N MET A 243 -16.60 11.81 -4.85
CA MET A 243 -15.79 12.76 -5.60
C MET A 243 -14.73 13.38 -4.71
N LEU A 244 -15.15 13.89 -3.55
CA LEU A 244 -14.21 14.47 -2.63
C LEU A 244 -13.14 13.45 -2.28
N VAL A 245 -13.58 12.27 -1.85
CA VAL A 245 -12.65 11.23 -1.47
C VAL A 245 -11.70 10.92 -2.62
N SER A 246 -12.21 10.97 -3.85
CA SER A 246 -11.37 10.68 -5.00
C SER A 246 -10.20 11.63 -5.02
N TRP A 247 -10.49 12.93 -4.99
CA TRP A 247 -9.43 13.92 -5.02
C TRP A 247 -8.59 13.80 -3.76
N ARG A 248 -9.20 13.41 -2.66
CA ARG A 248 -8.44 13.19 -1.44
C ARG A 248 -7.39 12.15 -1.73
N TYR A 249 -7.83 10.99 -2.20
CA TYR A 249 -6.90 9.93 -2.55
C TYR A 249 -5.84 10.51 -3.44
N PHE A 250 -6.25 11.11 -4.55
CA PHE A 250 -5.30 11.73 -5.47
C PHE A 250 -4.22 12.46 -4.70
N SER A 251 -4.61 13.45 -3.92
CA SER A 251 -3.64 14.22 -3.13
C SER A 251 -2.74 13.29 -2.34
N ALA A 252 -3.32 12.56 -1.39
CA ALA A 252 -2.55 11.63 -0.58
C ALA A 252 -1.48 10.92 -1.39
N PHE A 253 -1.91 10.03 -2.27
CA PHE A 253 -0.96 9.26 -3.06
C PHE A 253 0.08 10.13 -3.73
N ASN A 254 -0.34 11.20 -4.38
CA ASN A 254 0.61 12.01 -5.15
C ASN A 254 1.34 13.10 -4.37
N VAL A 255 1.14 13.16 -3.06
CA VAL A 255 1.91 14.13 -2.28
C VAL A 255 2.65 13.44 -1.15
N GLU A 256 1.95 13.10 -0.07
CA GLU A 256 2.61 12.49 1.07
C GLU A 256 3.35 11.24 0.62
N ARG A 257 2.61 10.27 0.10
CA ARG A 257 3.25 9.06 -0.40
C ARG A 257 4.48 9.44 -1.21
N GLY A 258 4.28 10.29 -2.22
CA GLY A 258 5.39 10.73 -3.04
C GLY A 258 6.56 11.22 -2.21
N ALA A 259 6.28 12.12 -1.27
CA ALA A 259 7.33 12.66 -0.42
C ALA A 259 8.07 11.55 0.30
N GLN A 260 7.33 10.73 1.05
CA GLN A 260 7.95 9.62 1.76
C GLN A 260 8.70 8.74 0.78
N SER A 261 8.13 8.56 -0.40
CA SER A 261 8.79 7.76 -1.42
C SER A 261 10.15 8.34 -1.69
N LEU A 262 10.22 9.65 -1.83
CA LEU A 262 11.50 10.29 -2.02
C LEU A 262 12.43 9.89 -0.90
N TRP A 263 11.89 9.81 0.31
CA TRP A 263 12.70 9.39 1.45
C TRP A 263 12.79 7.88 1.55
N LYS A 264 12.36 7.19 0.50
CA LYS A 264 12.41 5.74 0.49
C LYS A 264 11.89 5.20 1.81
N THR A 265 10.74 5.71 2.24
CA THR A 265 10.16 5.26 3.50
C THR A 265 8.66 5.50 3.51
N VAL A 266 7.97 5.03 2.48
CA VAL A 266 6.52 5.17 2.46
C VAL A 266 5.96 4.44 3.65
N GLN A 267 5.41 5.18 4.61
CA GLN A 267 4.91 4.57 5.85
C GLN A 267 3.97 3.40 5.62
N CYS A 268 3.24 3.39 4.51
CA CYS A 268 2.28 2.33 4.27
C CYS A 268 2.20 1.94 2.80
N VAL A 269 2.02 0.65 2.54
CA VAL A 269 1.88 0.18 1.17
C VAL A 269 0.45 0.36 0.69
N GLY A 270 0.20 0.05 -0.58
CA GLY A 270 -1.14 0.21 -1.12
C GLY A 270 -1.89 -1.09 -1.29
N GLY A 271 -2.95 -1.27 -0.51
CA GLY A 271 -3.75 -2.47 -0.63
C GLY A 271 -4.12 -2.78 -2.06
N PRO A 272 -4.93 -1.92 -2.68
CA PRO A 272 -5.35 -2.15 -4.06
C PRO A 272 -4.16 -2.40 -4.96
N LEU A 273 -3.20 -1.48 -4.98
CA LEU A 273 -2.02 -1.64 -5.81
C LEU A 273 -0.76 -1.57 -4.96
N GLY A 274 -0.15 -2.72 -4.70
CA GLY A 274 1.04 -2.75 -3.89
C GLY A 274 2.01 -3.84 -4.29
N ALA A 275 3.29 -3.50 -4.36
CA ALA A 275 4.31 -4.47 -4.73
C ALA A 275 5.14 -4.87 -3.53
N TYR A 276 5.69 -6.08 -3.55
CA TYR A 276 6.46 -6.56 -2.42
C TYR A 276 7.46 -7.63 -2.87
N THR A 277 8.74 -7.40 -2.62
CA THR A 277 9.74 -8.38 -2.98
C THR A 277 9.46 -9.68 -2.26
N ILE A 278 9.42 -10.77 -3.00
CA ILE A 278 9.11 -12.07 -2.38
C ILE A 278 9.96 -12.28 -1.13
N ASP A 279 11.24 -11.90 -1.20
CA ASP A 279 12.14 -12.11 -0.07
C ASP A 279 11.60 -11.45 1.18
N ILE A 280 11.52 -10.12 1.15
CA ILE A 280 11.07 -9.39 2.33
C ILE A 280 9.72 -9.94 2.78
N ILE A 281 8.88 -10.34 1.83
CA ILE A 281 7.59 -10.92 2.18
C ILE A 281 7.85 -12.14 3.05
N ASN A 282 8.56 -13.12 2.49
CA ASN A 282 8.87 -14.31 3.26
C ASN A 282 9.47 -13.96 4.61
N GLU A 283 10.17 -12.84 4.67
CA GLU A 283 10.82 -12.44 5.91
C GLU A 283 9.85 -11.77 6.89
N ILE A 284 8.77 -11.20 6.37
CA ILE A 284 7.82 -10.50 7.23
C ILE A 284 6.49 -11.21 7.32
N LYS A 285 6.20 -12.10 6.37
CA LYS A 285 4.89 -12.75 6.35
C LYS A 285 4.54 -13.29 7.71
N ASP A 286 5.35 -14.21 8.23
CA ASP A 286 5.07 -14.82 9.52
C ASP A 286 4.98 -13.77 10.64
N PRO A 287 6.01 -12.92 10.78
CA PRO A 287 5.84 -11.90 11.82
C PRO A 287 4.50 -11.19 11.66
N TRP A 288 4.22 -10.68 10.47
CA TRP A 288 2.98 -9.96 10.23
C TRP A 288 1.77 -10.87 10.43
N ILE A 289 1.86 -12.11 9.97
CA ILE A 289 0.76 -13.05 10.16
C ILE A 289 0.49 -13.26 11.64
N THR A 290 1.46 -12.91 12.47
CA THR A 290 1.30 -13.09 13.91
C THR A 290 1.44 -11.76 14.63
N GLN A 291 0.55 -10.83 14.34
CA GLN A 291 0.61 -9.52 14.98
C GLN A 291 -0.43 -9.37 16.08
N THR A 292 0.01 -9.28 17.32
CA THR A 292 -0.91 -9.09 18.43
C THR A 292 -0.57 -7.81 19.15
N PHE A 293 -1.52 -6.87 19.23
CA PHE A 293 -1.24 -5.59 19.85
C PHE A 293 -1.03 -5.74 21.34
N LEU A 294 -2.08 -5.51 22.12
CA LEU A 294 -1.97 -5.69 23.56
C LEU A 294 -2.22 -7.15 23.84
N GLY A 295 -1.42 -8.01 23.23
CA GLY A 295 -1.63 -9.43 23.41
C GLY A 295 -2.95 -9.81 22.77
N ASN A 296 -3.17 -9.34 21.55
CA ASN A 296 -4.41 -9.64 20.86
C ASN A 296 -4.20 -9.57 19.37
N LYS A 297 -4.26 -10.74 18.71
CA LYS A 297 -4.09 -10.77 17.27
C LYS A 297 -4.84 -9.63 16.66
N CYS A 298 -4.11 -8.71 16.04
CA CYS A 298 -4.74 -7.55 15.44
C CYS A 298 -5.46 -7.90 14.16
N THR A 299 -6.75 -8.21 14.27
CA THR A 299 -7.53 -8.52 13.08
C THR A 299 -8.04 -7.23 12.45
N TYR A 300 -7.13 -6.33 12.10
CA TYR A 300 -7.50 -5.07 11.50
C TYR A 300 -6.63 -4.80 10.30
N GLY A 301 -6.64 -3.56 9.83
CA GLY A 301 -5.83 -3.19 8.68
C GLY A 301 -4.44 -3.80 8.68
N ASP A 302 -4.22 -4.73 7.76
CA ASP A 302 -2.92 -5.37 7.66
C ASP A 302 -2.03 -4.31 7.12
N ASP A 303 -2.54 -3.59 6.13
CA ASP A 303 -1.79 -2.47 5.60
C ASP A 303 -1.24 -1.75 6.80
N ARG A 304 0.06 -1.47 6.81
CA ARG A 304 0.75 -0.81 7.94
C ARG A 304 1.59 -1.84 8.69
N ARG A 305 1.04 -3.00 9.04
CA ARG A 305 1.83 -3.86 9.93
C ARG A 305 2.99 -4.48 9.15
N LEU A 306 2.71 -5.17 8.05
CA LEU A 306 3.82 -5.70 7.26
C LEU A 306 4.73 -4.59 6.80
N THR A 307 4.17 -3.44 6.43
CA THR A 307 5.00 -2.30 6.04
C THR A 307 5.86 -1.84 7.22
N ASN A 308 5.28 -1.81 8.41
CA ASN A 308 6.05 -1.45 9.59
C ASN A 308 7.15 -2.46 9.87
N GLU A 309 6.87 -3.74 9.63
CA GLU A 309 7.91 -4.76 9.77
C GLU A 309 9.06 -4.52 8.80
N VAL A 310 8.71 -4.19 7.55
CA VAL A 310 9.73 -3.91 6.55
C VAL A 310 10.57 -2.71 6.99
N LEU A 311 9.92 -1.70 7.55
CA LEU A 311 10.65 -0.54 8.05
C LEU A 311 11.55 -0.92 9.23
N MET A 312 11.05 -1.79 10.12
CA MET A 312 11.88 -2.29 11.21
C MET A 312 13.13 -2.98 10.69
N ARG A 313 13.03 -3.69 9.58
CA ARG A 313 14.20 -4.31 8.98
C ARG A 313 15.16 -3.30 8.38
N GLY A 314 14.77 -2.03 8.30
CA GLY A 314 15.61 -1.01 7.71
C GLY A 314 15.54 -0.92 6.22
N LYS A 315 14.66 -1.70 5.58
CA LYS A 315 14.53 -1.66 4.14
C LYS A 315 13.82 -0.38 3.70
N LYS A 316 14.12 0.05 2.49
CA LYS A 316 13.59 1.28 1.92
C LYS A 316 12.33 0.97 1.12
N ILE A 317 11.31 1.81 1.29
CA ILE A 317 10.04 1.64 0.58
C ILE A 317 9.83 2.88 -0.28
N VAL A 318 9.66 2.68 -1.59
CA VAL A 318 9.46 3.77 -2.52
C VAL A 318 8.08 3.64 -3.13
N TYR A 319 7.54 4.76 -3.60
CA TYR A 319 6.22 4.82 -4.22
C TYR A 319 6.33 5.40 -5.62
N THR A 320 5.61 4.79 -6.56
CA THR A 320 5.61 5.35 -7.90
C THR A 320 4.20 5.79 -8.29
N PRO A 321 4.06 6.97 -8.91
CA PRO A 321 2.75 7.43 -9.34
C PRO A 321 2.34 6.95 -10.73
N PHE A 322 3.30 6.49 -11.53
CA PHE A 322 2.98 6.02 -12.88
C PHE A 322 2.14 4.76 -12.88
N ALA A 323 2.09 4.03 -11.76
CA ALA A 323 1.28 2.83 -11.62
C ALA A 323 -0.04 3.22 -10.96
N VAL A 324 -1.14 2.94 -11.64
CA VAL A 324 -2.46 3.33 -11.17
C VAL A 324 -3.34 2.09 -11.06
N GLY A 325 -4.18 2.06 -10.04
CA GLY A 325 -5.18 1.02 -9.87
C GLY A 325 -6.48 1.64 -9.41
N TRP A 326 -7.56 1.35 -10.13
CA TRP A 326 -8.86 1.93 -9.85
C TRP A 326 -9.59 1.10 -8.80
N SER A 327 -10.02 1.75 -7.74
CA SER A 327 -10.75 1.05 -6.69
C SER A 327 -11.95 1.89 -6.30
N ASP A 328 -12.99 1.24 -5.80
CA ASP A 328 -14.19 1.97 -5.42
C ASP A 328 -14.02 2.64 -4.06
N SER A 329 -14.95 3.52 -3.70
CA SER A 329 -14.88 4.18 -2.41
C SER A 329 -16.24 4.16 -1.74
N PRO A 330 -16.28 4.28 -0.41
CA PRO A 330 -17.58 4.35 0.25
C PRO A 330 -18.37 5.56 -0.21
N THR A 331 -19.69 5.37 -0.35
CA THR A 331 -20.59 6.45 -0.74
C THR A 331 -21.55 6.83 0.38
N ASN A 332 -21.66 6.03 1.43
CA ASN A 332 -22.51 6.33 2.56
C ASN A 332 -21.68 6.92 3.68
N VAL A 333 -22.24 7.93 4.34
CA VAL A 333 -21.49 8.64 5.38
C VAL A 333 -21.18 7.71 6.54
N MET A 334 -22.13 6.84 6.91
CA MET A 334 -21.89 5.94 8.04
C MET A 334 -20.78 4.94 7.74
N ARG A 335 -20.81 4.36 6.53
CA ARG A 335 -19.73 3.45 6.15
C ARG A 335 -18.40 4.16 6.06
N TYR A 336 -18.38 5.40 5.56
CA TYR A 336 -17.13 6.16 5.58
C TYR A 336 -16.65 6.39 7.00
N ILE A 337 -17.58 6.68 7.92
CA ILE A 337 -17.21 6.90 9.31
C ILE A 337 -16.56 5.67 9.90
N VAL A 338 -17.17 4.50 9.71
CA VAL A 338 -16.63 3.30 10.34
C VAL A 338 -15.31 2.91 9.68
N GLN A 339 -15.20 3.08 8.36
CA GLN A 339 -13.93 2.77 7.69
C GLN A 339 -12.81 3.67 8.19
N GLN A 340 -13.10 4.98 8.32
CA GLN A 340 -12.07 5.89 8.81
C GLN A 340 -11.74 5.62 10.28
N THR A 341 -12.74 5.18 11.06
CA THR A 341 -12.46 4.80 12.43
C THR A 341 -11.51 3.62 12.51
N ARG A 342 -11.74 2.61 11.67
CA ARG A 342 -10.85 1.46 11.64
C ARG A 342 -9.45 1.88 11.20
N TRP A 343 -9.37 2.76 10.19
CA TRP A 343 -8.08 3.25 9.75
C TRP A 343 -7.36 4.01 10.84
N SER A 344 -8.10 4.83 11.60
CA SER A 344 -7.49 5.57 12.71
C SER A 344 -7.01 4.62 13.79
N LYS A 345 -7.76 3.57 14.08
CA LYS A 345 -7.31 2.57 15.04
C LYS A 345 -6.00 1.94 14.58
N SER A 346 -5.92 1.54 13.32
CA SER A 346 -4.69 0.95 12.80
C SER A 346 -3.54 1.94 12.87
N TRP A 347 -3.79 3.19 12.51
CA TRP A 347 -2.75 4.21 12.53
C TRP A 347 -2.23 4.42 13.94
N CYS A 348 -3.12 4.58 14.91
CA CYS A 348 -2.69 4.83 16.28
C CYS A 348 -1.95 3.63 16.85
N ARG A 349 -2.34 2.44 16.42
CA ARG A 349 -1.69 1.22 16.88
C ARG A 349 -0.32 1.03 16.26
N GLU A 350 -0.13 1.55 15.05
CA GLU A 350 1.14 1.35 14.36
C GLU A 350 2.12 2.50 14.59
N ILE A 351 1.64 3.65 15.06
CA ILE A 351 2.55 4.78 15.26
C ILE A 351 3.63 4.48 16.28
N TRP A 352 3.28 3.81 17.38
CA TRP A 352 4.27 3.52 18.41
C TRP A 352 5.43 2.72 17.83
N TYR A 353 5.10 1.64 17.11
CA TYR A 353 6.15 0.83 16.49
C TYR A 353 6.89 1.59 15.40
N THR A 354 6.19 2.45 14.65
CA THR A 354 6.84 3.23 13.61
C THR A 354 7.92 4.12 14.20
N LEU A 355 7.59 4.84 15.28
CA LEU A 355 8.60 5.65 15.96
C LEU A 355 9.70 4.79 16.55
N GLY A 356 9.33 3.66 17.17
CA GLY A 356 10.33 2.79 17.76
C GLY A 356 11.32 2.23 16.76
N SER A 357 10.92 2.10 15.50
CA SER A 357 11.80 1.61 14.46
C SER A 357 12.38 2.70 13.58
N ALA A 358 11.93 3.95 13.71
CA ALA A 358 12.39 5.01 12.84
C ALA A 358 13.89 5.29 13.02
N TRP A 359 14.43 5.11 14.22
CA TRP A 359 15.84 5.39 14.45
C TRP A 359 16.75 4.46 13.68
N LYS A 360 16.25 3.30 13.24
CA LYS A 360 17.09 2.32 12.57
C LYS A 360 17.50 2.76 11.17
N HIS A 361 16.89 3.83 10.66
CA HIS A 361 17.21 4.33 9.33
C HIS A 361 18.28 5.41 9.38
N GLY A 362 18.93 5.55 10.52
CA GLY A 362 19.97 6.55 10.70
C GLY A 362 19.49 7.93 10.34
N PHE A 363 20.18 8.58 9.40
CA PHE A 363 19.81 9.92 8.96
C PHE A 363 18.36 9.90 8.47
N SER A 364 18.07 9.00 7.53
CA SER A 364 16.73 8.87 6.99
C SER A 364 15.79 8.48 8.11
N GLY A 365 14.51 8.79 7.93
CA GLY A 365 13.51 8.48 8.94
C GLY A 365 13.14 9.72 9.73
N ILE A 366 14.07 10.69 9.75
CA ILE A 366 13.83 11.95 10.45
C ILE A 366 12.56 12.58 9.91
N TYR A 367 12.40 12.52 8.59
CA TYR A 367 11.20 13.06 7.96
C TYR A 367 9.96 12.29 8.40
N LEU A 368 10.08 10.98 8.56
CA LEU A 368 8.94 10.20 9.04
C LEU A 368 8.53 10.62 10.44
N ALA A 369 9.52 10.81 11.32
CA ALA A 369 9.22 11.28 12.68
C ALA A 369 8.57 12.66 12.63
N PHE A 370 9.10 13.56 11.80
CA PHE A 370 8.51 14.88 11.65
C PHE A 370 7.07 14.76 11.16
N GLU A 371 6.81 13.83 10.25
CA GLU A 371 5.47 13.69 9.68
C GLU A 371 4.48 13.22 10.73
N CYS A 372 4.84 12.19 11.51
CA CYS A 372 3.87 11.71 12.51
C CYS A 372 3.67 12.76 13.59
N MET A 373 4.74 13.43 14.02
CA MET A 373 4.60 14.51 14.98
C MET A 373 3.71 15.61 14.43
N TYR A 374 3.85 15.91 13.14
CA TYR A 374 2.97 16.87 12.48
C TYR A 374 1.53 16.41 12.55
N GLN A 375 1.28 15.13 12.30
CA GLN A 375 -0.10 14.64 12.32
C GLN A 375 -0.72 14.83 13.70
N ILE A 376 -0.02 14.38 14.74
CA ILE A 376 -0.57 14.49 16.09
C ILE A 376 -0.76 15.96 16.49
N MET A 377 0.26 16.79 16.24
CA MET A 377 0.18 18.19 16.65
C MET A 377 -0.86 18.94 15.83
N TYR A 378 -1.07 18.54 14.58
CA TYR A 378 -2.09 19.17 13.74
C TYR A 378 -3.48 18.84 14.24
N PHE A 379 -3.72 17.57 14.58
CA PHE A 379 -5.00 17.21 15.18
C PHE A 379 -5.25 17.98 16.48
N PHE A 380 -4.24 18.00 17.34
CA PHE A 380 -4.39 18.69 18.62
C PHE A 380 -4.62 20.19 18.42
N LEU A 381 -3.90 20.79 17.47
CA LEU A 381 -4.05 22.22 17.21
C LEU A 381 -5.42 22.53 16.66
N VAL A 382 -5.93 21.69 15.76
CA VAL A 382 -7.28 21.91 15.23
C VAL A 382 -8.31 21.82 16.34
N MET A 383 -8.18 20.81 17.21
CA MET A 383 -9.12 20.68 18.32
C MET A 383 -9.05 21.88 19.26
N TYR A 384 -7.83 22.32 19.58
CA TYR A 384 -7.67 23.47 20.49
C TYR A 384 -8.20 24.75 19.86
N LEU A 385 -7.96 24.94 18.55
CA LEU A 385 -8.46 26.12 17.87
C LEU A 385 -9.98 26.14 17.87
N PHE A 386 -10.61 24.99 17.60
CA PHE A 386 -12.06 24.96 17.64
C PHE A 386 -12.60 25.19 19.05
N SER A 387 -11.92 24.64 20.05
CA SER A 387 -12.34 24.89 21.43
C SER A 387 -12.27 26.36 21.78
N TYR A 388 -11.16 27.02 21.39
CA TYR A 388 -11.01 28.45 21.65
C TYR A 388 -12.06 29.25 20.92
N ILE A 389 -12.36 28.88 19.67
CA ILE A 389 -13.39 29.57 18.91
C ILE A 389 -14.74 29.42 19.59
N ALA A 390 -15.07 28.21 20.03
CA ALA A 390 -16.35 27.99 20.70
C ALA A 390 -16.45 28.79 21.99
N ILE A 391 -15.37 28.82 22.77
CA ILE A 391 -15.41 29.54 24.04
C ILE A 391 -15.53 31.04 23.81
N LYS A 392 -14.69 31.60 22.95
CA LYS A 392 -14.63 33.05 22.80
C LYS A 392 -15.82 33.59 22.02
N ALA A 393 -16.21 32.91 20.94
CA ALA A 393 -17.33 33.33 20.10
C ALA A 393 -17.13 34.75 19.57
N ASP A 394 -15.91 35.04 19.11
CA ASP A 394 -15.59 36.33 18.51
C ASP A 394 -15.77 36.24 17.00
N ILE A 395 -16.72 37.02 16.47
CA ILE A 395 -17.11 36.90 15.07
C ILE A 395 -15.94 37.17 14.13
N ARG A 396 -15.09 38.13 14.49
CA ARG A 396 -13.90 38.40 13.68
C ARG A 396 -13.01 37.17 13.58
N ALA A 397 -12.84 36.45 14.70
CA ALA A 397 -12.01 35.26 14.69
C ALA A 397 -12.58 34.20 13.75
N GLN A 398 -13.88 33.92 13.84
CA GLN A 398 -14.47 32.91 12.97
C GLN A 398 -14.35 33.32 11.51
N THR A 399 -14.59 34.60 11.21
CA THR A 399 -14.44 35.06 9.83
C THR A 399 -13.01 34.84 9.35
N ALA A 400 -12.03 35.15 10.19
CA ALA A 400 -10.63 35.00 9.79
C ALA A 400 -10.27 33.54 9.53
N THR A 401 -10.68 32.65 10.43
CA THR A 401 -10.36 31.23 10.22
C THR A 401 -11.06 30.69 8.98
N VAL A 402 -12.32 31.08 8.75
CA VAL A 402 -13.00 30.63 7.54
C VAL A 402 -12.27 31.11 6.31
N LEU A 403 -11.86 32.38 6.30
CA LEU A 403 -11.16 32.92 5.13
C LEU A 403 -9.84 32.20 4.88
N VAL A 404 -9.05 31.97 5.94
CA VAL A 404 -7.75 31.34 5.73
C VAL A 404 -7.92 29.88 5.33
N SER A 405 -8.91 29.19 5.89
CA SER A 405 -9.15 27.81 5.49
C SER A 405 -9.57 27.73 4.02
N THR A 406 -10.42 28.67 3.59
CA THR A 406 -10.79 28.71 2.18
C THR A 406 -9.57 28.98 1.30
N LEU A 407 -8.69 29.88 1.74
CA LEU A 407 -7.49 30.15 0.96
C LEU A 407 -6.60 28.91 0.86
N VAL A 408 -6.45 28.18 1.97
CA VAL A 408 -5.62 26.98 1.96
C VAL A 408 -6.21 25.95 1.00
N THR A 409 -7.52 25.73 1.08
CA THR A 409 -8.15 24.76 0.20
C THR A 409 -8.07 25.20 -1.26
N ILE A 410 -8.19 26.51 -1.51
CA ILE A 410 -8.02 27.04 -2.86
C ILE A 410 -6.63 26.73 -3.40
N ILE A 411 -5.60 26.96 -2.57
CA ILE A 411 -4.24 26.69 -3.01
C ILE A 411 -4.05 25.20 -3.30
N LYS A 412 -4.56 24.36 -2.41
CA LYS A 412 -4.42 22.92 -2.60
C LYS A 412 -5.12 22.46 -3.86
N SER A 413 -6.35 22.93 -4.10
CA SER A 413 -7.09 22.54 -5.28
C SER A 413 -6.43 23.07 -6.55
N SER A 414 -5.87 24.28 -6.50
CA SER A 414 -5.15 24.79 -7.65
C SER A 414 -3.95 23.92 -7.98
N TYR A 415 -3.18 23.51 -6.96
CA TYR A 415 -2.08 22.61 -7.22
C TYR A 415 -2.57 21.31 -7.81
N LEU A 416 -3.65 20.74 -7.25
CA LEU A 416 -4.13 19.46 -7.73
C LEU A 416 -4.58 19.53 -9.18
N ALA A 417 -5.27 20.62 -9.54
CA ALA A 417 -5.68 20.80 -10.92
C ALA A 417 -4.47 20.92 -11.84
N LEU A 418 -3.46 21.70 -11.42
CA LEU A 418 -2.26 21.83 -12.24
C LEU A 418 -1.54 20.50 -12.41
N ARG A 419 -1.55 19.67 -11.35
CA ARG A 419 -0.84 18.40 -11.41
C ARG A 419 -1.58 17.38 -12.25
N ALA A 420 -2.90 17.33 -12.15
CA ALA A 420 -3.69 16.34 -12.87
C ALA A 420 -4.12 16.81 -14.25
N LYS A 421 -3.83 18.05 -14.62
CA LYS A 421 -4.28 18.62 -15.90
C LYS A 421 -5.80 18.47 -16.04
N ASN A 422 -6.51 18.62 -14.92
CA ASN A 422 -7.95 18.37 -14.88
C ASN A 422 -8.60 19.40 -13.97
N LEU A 423 -9.73 19.94 -14.41
CA LEU A 423 -10.34 21.08 -13.74
C LEU A 423 -11.27 20.69 -12.59
N LYS A 424 -11.58 19.41 -12.42
CA LYS A 424 -12.50 19.06 -11.35
C LYS A 424 -11.83 18.99 -9.98
N ALA A 425 -10.52 19.22 -9.92
CA ALA A 425 -9.82 19.22 -8.63
C ALA A 425 -10.29 20.33 -7.72
N PHE A 426 -10.92 21.38 -8.25
CA PHE A 426 -11.42 22.46 -7.41
C PHE A 426 -12.53 22.00 -6.48
N TYR A 427 -13.12 20.82 -6.70
CA TYR A 427 -14.10 20.29 -5.77
C TYR A 427 -13.49 19.96 -4.41
N PHE A 428 -12.16 19.92 -4.31
CA PHE A 428 -11.51 19.63 -3.05
C PHE A 428 -11.71 20.71 -2.00
N VAL A 429 -12.17 21.91 -2.39
CA VAL A 429 -12.34 22.97 -1.41
C VAL A 429 -13.43 22.61 -0.41
N LEU A 430 -14.35 21.73 -0.79
CA LEU A 430 -15.37 21.25 0.14
C LEU A 430 -14.86 20.18 1.08
N TYR A 431 -13.60 19.74 0.95
CA TYR A 431 -13.10 18.68 1.80
C TYR A 431 -13.03 19.10 3.26
N THR A 432 -13.04 20.39 3.54
CA THR A 432 -13.04 20.84 4.93
C THR A 432 -14.27 20.34 5.67
N TYR A 433 -15.44 20.42 5.03
CA TYR A 433 -16.66 19.95 5.67
C TYR A 433 -16.59 18.47 6.00
N VAL A 434 -16.25 17.64 5.01
CA VAL A 434 -16.26 16.20 5.24
C VAL A 434 -15.18 15.83 6.23
N TYR A 435 -14.02 16.49 6.16
CA TYR A 435 -12.96 16.22 7.14
C TYR A 435 -13.44 16.52 8.55
N PHE A 436 -13.98 17.72 8.76
CA PHE A 436 -14.44 18.12 10.08
C PHE A 436 -15.53 17.19 10.59
N PHE A 437 -16.48 16.82 9.74
CA PHE A 437 -17.64 16.09 10.20
C PHE A 437 -17.44 14.58 10.26
N CYS A 438 -16.37 14.06 9.65
CA CYS A 438 -16.14 12.61 9.67
C CYS A 438 -14.81 12.23 10.31
N MET A 439 -13.70 12.82 9.88
CA MET A 439 -12.40 12.39 10.36
C MET A 439 -12.26 12.60 11.86
N ILE A 440 -12.68 13.78 12.35
CA ILE A 440 -12.55 14.07 13.77
C ILE A 440 -13.38 13.11 14.61
N PRO A 441 -14.68 12.89 14.35
CA PRO A 441 -15.41 11.89 15.15
C PRO A 441 -14.79 10.51 15.07
N ALA A 442 -14.28 10.12 13.90
CA ALA A 442 -13.60 8.83 13.79
C ALA A 442 -12.35 8.80 14.67
N ARG A 443 -11.62 9.91 14.71
CA ARG A 443 -10.44 9.97 15.57
C ARG A 443 -10.81 9.80 17.05
N ILE A 444 -11.82 10.53 17.51
CA ILE A 444 -12.23 10.40 18.91
C ILE A 444 -12.74 9.00 19.19
N THR A 445 -13.47 8.41 18.24
CA THR A 445 -13.97 7.06 18.43
C THR A 445 -12.83 6.06 18.57
N ALA A 446 -11.82 6.18 17.72
CA ALA A 446 -10.67 5.28 17.81
C ALA A 446 -9.96 5.44 19.14
N MET A 447 -9.70 6.69 19.55
CA MET A 447 -9.00 6.92 20.80
C MET A 447 -9.78 6.38 21.99
N PHE A 448 -11.11 6.54 21.99
CA PHE A 448 -11.91 6.10 23.12
C PHE A 448 -12.09 4.58 23.12
N THR A 449 -12.08 3.95 21.95
CA THR A 449 -12.31 2.51 21.87
C THR A 449 -11.01 1.70 21.83
N MET A 450 -9.85 2.34 21.88
CA MET A 450 -8.61 1.57 21.95
C MET A 450 -8.51 0.76 23.24
N PHE A 451 -8.84 1.36 24.37
CA PHE A 451 -8.69 0.71 25.66
C PHE A 451 -10.05 0.47 26.31
N ASP A 452 -10.09 -0.56 27.16
CA ASP A 452 -11.30 -0.95 27.88
C ASP A 452 -12.45 -1.24 26.92
N ALA A 468 -28.68 -4.93 23.98
CA ALA A 468 -28.21 -5.80 22.91
C ALA A 468 -27.60 -4.98 21.78
N ARG A 469 -28.38 -4.78 20.71
CA ARG A 469 -27.91 -4.01 19.57
C ARG A 469 -27.71 -2.54 19.90
N VAL A 470 -28.32 -2.05 20.98
CA VAL A 470 -28.17 -0.63 21.33
C VAL A 470 -26.72 -0.31 21.61
N TRP A 471 -26.07 -1.14 22.43
CA TRP A 471 -24.68 -0.87 22.79
C TRP A 471 -23.81 -0.84 21.55
N LEU A 472 -23.82 -1.94 20.80
CA LEU A 472 -22.97 -2.02 19.63
C LEU A 472 -23.23 -0.83 18.70
N TRP A 473 -24.50 -0.54 18.41
CA TRP A 473 -24.75 0.62 17.57
C TRP A 473 -24.14 1.88 18.17
N ALA A 474 -24.21 2.01 19.50
CA ALA A 474 -23.64 3.18 20.15
C ALA A 474 -22.15 3.29 19.91
N LYS A 475 -21.42 2.18 20.10
CA LYS A 475 -19.96 2.22 19.97
C LYS A 475 -19.48 2.75 18.63
N GLN A 476 -20.35 2.79 17.61
CA GLN A 476 -19.96 3.24 16.28
C GLN A 476 -20.26 4.71 16.04
N PHE A 477 -21.45 5.17 16.44
CA PHE A 477 -21.94 6.48 16.03
C PHE A 477 -22.27 7.43 17.17
N LEU A 478 -22.18 7.01 18.44
CA LEU A 478 -22.57 7.90 19.52
C LEU A 478 -21.56 9.04 19.66
N ILE A 479 -20.28 8.75 19.44
CA ILE A 479 -19.27 9.81 19.44
C ILE A 479 -19.59 10.82 18.35
N THR A 480 -19.90 10.35 17.15
CA THR A 480 -20.17 11.26 16.03
C THR A 480 -21.41 12.10 16.30
N TYR A 481 -22.47 11.47 16.83
CA TYR A 481 -23.69 12.23 17.11
C TYR A 481 -23.45 13.26 18.20
N MET A 482 -22.70 12.90 19.25
CA MET A 482 -22.38 13.88 20.29
C MET A 482 -21.55 15.02 19.72
N TRP A 483 -20.61 14.72 18.82
CA TRP A 483 -19.81 15.76 18.20
C TRP A 483 -20.66 16.70 17.36
N TRP A 484 -21.59 16.15 16.58
CA TRP A 484 -22.47 17.00 15.77
C TRP A 484 -23.36 17.86 16.65
N ALA A 485 -23.90 17.29 17.72
CA ALA A 485 -24.68 18.09 18.65
C ALA A 485 -23.83 19.19 19.25
N GLY A 486 -22.57 18.89 19.58
CA GLY A 486 -21.69 19.89 20.17
C GLY A 486 -21.40 21.05 19.23
N VAL A 487 -21.10 20.73 17.96
CA VAL A 487 -20.81 21.81 17.01
C VAL A 487 -22.07 22.63 16.76
N LEU A 488 -23.22 21.98 16.65
CA LEU A 488 -24.46 22.74 16.49
C LEU A 488 -24.72 23.65 17.67
N ALA A 489 -24.50 23.14 18.89
CA ALA A 489 -24.70 23.95 20.09
C ALA A 489 -23.74 25.12 20.14
N ALA A 490 -22.48 24.89 19.77
CA ALA A 490 -21.52 26.00 19.71
C ALA A 490 -21.97 27.04 18.70
N GLY A 491 -22.45 26.60 17.54
CA GLY A 491 -22.89 27.55 16.53
C GLY A 491 -24.06 28.40 17.00
N VAL A 492 -25.06 27.77 17.60
CA VAL A 492 -26.22 28.54 18.04
C VAL A 492 -25.85 29.45 19.19
N TYR A 493 -24.99 28.99 20.11
CA TYR A 493 -24.57 29.83 21.22
C TYR A 493 -23.81 31.05 20.72
N SER A 494 -22.92 30.85 19.74
CA SER A 494 -22.20 31.99 19.18
C SER A 494 -23.16 32.95 18.48
N ILE A 495 -24.13 32.42 17.73
CA ILE A 495 -25.00 33.29 16.96
C ILE A 495 -25.91 34.10 17.89
N VAL A 496 -26.28 33.54 19.04
CA VAL A 496 -27.11 34.32 19.96
C VAL A 496 -26.24 35.28 20.77
N ASP A 497 -25.00 34.89 21.07
CA ASP A 497 -24.10 35.78 21.80
C ASP A 497 -23.71 36.98 20.96
N ASN A 498 -23.70 36.85 19.63
CA ASN A 498 -23.38 37.95 18.73
C ASN A 498 -24.62 38.41 17.96
N TRP A 499 -25.76 38.43 18.63
CA TRP A 499 -27.02 38.88 18.02
C TRP A 499 -27.09 40.40 18.10
N TYR A 500 -26.34 41.06 17.22
CA TYR A 500 -26.37 42.50 17.13
C TYR A 500 -25.92 42.91 15.73
N PHE A 501 -26.28 44.14 15.36
CA PHE A 501 -25.90 44.70 14.07
C PHE A 501 -25.29 46.07 14.29
N ASP A 502 -24.17 46.33 13.60
CA ASP A 502 -23.49 47.63 13.68
C ASP A 502 -22.85 47.89 12.32
N TRP A 503 -23.58 48.62 11.47
CA TRP A 503 -23.04 48.98 10.16
C TRP A 503 -21.95 50.04 10.24
N ALA A 504 -21.85 50.76 11.36
CA ALA A 504 -20.81 51.76 11.54
C ALA A 504 -19.49 51.16 11.99
N ASP A 505 -19.45 49.87 12.29
CA ASP A 505 -18.24 49.20 12.73
C ASP A 505 -17.55 48.57 11.52
N ILE A 506 -16.31 48.98 11.26
CA ILE A 506 -15.58 48.48 10.12
C ILE A 506 -15.26 47.00 10.29
N GLN A 507 -14.92 46.57 11.50
CA GLN A 507 -14.63 45.17 11.75
C GLN A 507 -15.88 44.31 11.56
N TYR A 508 -17.02 44.78 12.06
CA TYR A 508 -18.27 44.06 11.87
C TYR A 508 -18.63 43.98 10.39
N ARG A 509 -18.42 45.08 9.66
CA ARG A 509 -18.68 45.09 8.23
C ARG A 509 -17.80 44.08 7.51
N PHE A 510 -16.50 44.04 7.85
CA PHE A 510 -15.60 43.10 7.23
C PHE A 510 -16.02 41.66 7.52
N ALA A 511 -16.38 41.37 8.76
CA ALA A 511 -16.82 40.02 9.10
C ALA A 511 -18.07 39.63 8.32
N LEU A 512 -19.03 40.56 8.21
CA LEU A 512 -20.27 40.24 7.52
C LEU A 512 -20.03 40.02 6.03
N VAL A 513 -19.22 40.87 5.40
CA VAL A 513 -18.98 40.68 3.97
C VAL A 513 -18.18 39.41 3.74
N GLY A 514 -17.27 39.07 4.65
CA GLY A 514 -16.53 37.82 4.51
C GLY A 514 -17.40 36.59 4.63
N ILE A 515 -18.30 36.58 5.61
CA ILE A 515 -19.18 35.41 5.77
C ILE A 515 -20.14 35.32 4.59
N CYS A 516 -20.62 36.45 4.08
CA CYS A 516 -21.50 36.41 2.92
C CYS A 516 -20.76 35.91 1.69
N SER A 517 -19.52 36.35 1.50
CA SER A 517 -18.73 35.88 0.36
C SER A 517 -18.46 34.39 0.46
N TYR A 518 -18.14 33.91 1.67
CA TYR A 518 -17.95 32.48 1.86
C TYR A 518 -19.22 31.71 1.52
N LEU A 519 -20.37 32.21 1.97
CA LEU A 519 -21.62 31.53 1.70
C LEU A 519 -21.91 31.47 0.20
N VAL A 520 -21.74 32.59 -0.52
CA VAL A 520 -22.04 32.58 -1.94
C VAL A 520 -21.05 31.71 -2.69
N PHE A 521 -19.79 31.69 -2.24
CA PHE A 521 -18.79 30.82 -2.87
C PHE A 521 -19.16 29.35 -2.71
N VAL A 522 -19.51 28.94 -1.50
CA VAL A 522 -19.91 27.55 -1.29
C VAL A 522 -21.15 27.23 -2.10
N SER A 523 -22.10 28.19 -2.17
CA SER A 523 -23.32 27.96 -2.93
C SER A 523 -23.03 27.76 -4.41
N ILE A 524 -22.15 28.59 -4.99
CA ILE A 524 -21.88 28.46 -6.41
C ILE A 524 -21.10 27.18 -6.70
N VAL A 525 -20.23 26.78 -5.78
CA VAL A 525 -19.54 25.50 -5.96
C VAL A 525 -20.53 24.35 -5.92
N LEU A 526 -21.49 24.39 -4.98
CA LEU A 526 -22.52 23.35 -4.94
C LEU A 526 -23.34 23.36 -6.23
N VAL A 527 -23.66 24.54 -6.75
CA VAL A 527 -24.46 24.63 -7.96
C VAL A 527 -23.71 24.04 -9.15
N ILE A 528 -22.42 24.37 -9.29
CA ILE A 528 -21.67 23.85 -10.42
C ILE A 528 -21.50 22.34 -10.28
N TYR A 529 -21.34 21.85 -9.05
CA TYR A 529 -21.31 20.40 -8.87
C TYR A 529 -22.63 19.77 -9.28
N LEU A 530 -23.75 20.39 -8.93
CA LEU A 530 -25.06 19.83 -9.26
C LEU A 530 -25.25 19.76 -10.78
N ILE A 531 -24.91 20.84 -11.50
CA ILE A 531 -25.10 20.82 -12.94
C ILE A 531 -24.13 19.82 -13.58
N GLY A 532 -22.92 19.72 -13.04
CA GLY A 532 -22.00 18.71 -13.54
C GLY A 532 -22.51 17.30 -13.34
N LYS A 533 -23.11 17.03 -12.18
CA LYS A 533 -23.72 15.73 -11.94
C LYS A 533 -24.88 15.48 -12.91
N ILE A 534 -25.68 16.51 -13.17
CA ILE A 534 -26.81 16.36 -14.09
C ILE A 534 -26.32 16.01 -15.48
N THR A 535 -25.28 16.71 -15.96
CA THR A 535 -24.75 16.40 -17.28
C THR A 535 -23.80 15.21 -17.28
N THR A 536 -23.55 14.62 -16.10
CA THR A 536 -22.65 13.47 -15.95
C THR A 536 -21.24 13.80 -16.41
N TRP A 537 -20.85 15.07 -16.36
CA TRP A 537 -19.51 15.45 -16.74
C TRP A 537 -18.50 15.09 -15.67
N ASN A 538 -18.90 15.11 -14.40
CA ASN A 538 -17.99 14.79 -13.30
C ASN A 538 -17.71 13.31 -13.18
N TYR A 539 -18.38 12.46 -13.95
CA TYR A 539 -18.11 11.03 -13.91
C TYR A 539 -16.69 10.75 -14.39
N THR A 540 -16.05 9.77 -13.75
CA THR A 540 -14.71 9.38 -14.17
C THR A 540 -14.77 8.69 -15.53
N PRO A 541 -13.69 8.76 -16.31
CA PRO A 541 -13.71 8.13 -17.64
C PRO A 541 -14.01 6.65 -17.62
N LEU A 542 -13.53 5.92 -16.60
CA LEU A 542 -13.76 4.48 -16.53
C LEU A 542 -15.19 4.14 -16.14
N GLN A 543 -15.81 4.99 -15.31
CA GLN A 543 -17.17 4.73 -14.85
C GLN A 543 -18.15 4.63 -16.01
N LYS A 544 -17.90 5.35 -17.10
CA LYS A 544 -18.85 5.34 -18.21
C LYS A 544 -18.99 3.95 -18.81
N GLU A 545 -17.87 3.35 -19.24
CA GLU A 545 -17.96 2.01 -19.81
C GLU A 545 -18.28 0.98 -18.73
N LEU A 546 -17.88 1.23 -17.48
CA LEU A 546 -18.32 0.33 -16.41
C LEU A 546 -19.84 0.26 -16.36
N ILE A 547 -20.49 1.41 -16.40
CA ILE A 547 -21.96 1.44 -16.43
C ILE A 547 -22.48 0.80 -17.71
N GLU A 548 -21.78 1.02 -18.83
CA GLU A 548 -22.23 0.45 -20.10
C GLU A 548 -22.29 -1.07 -20.05
N GLU A 549 -21.20 -1.72 -19.63
CA GLU A 549 -21.24 -3.17 -19.59
C GLU A 549 -21.90 -3.72 -18.33
N ARG A 550 -22.21 -2.88 -17.35
CA ARG A 550 -23.11 -3.32 -16.29
C ARG A 550 -24.54 -3.39 -16.78
N TYR A 551 -24.97 -2.37 -17.54
CA TYR A 551 -26.29 -2.39 -18.16
C TYR A 551 -26.40 -3.52 -19.17
N LEU A 552 -25.38 -3.69 -20.01
CA LEU A 552 -25.36 -4.77 -20.99
C LEU A 552 -24.92 -6.08 -20.33
N HIS A 553 -25.75 -6.54 -19.40
CA HIS A 553 -25.45 -7.73 -18.62
C HIS A 553 -26.72 -8.33 -18.03
N GLN B 26 17.64 -14.81 -19.74
CA GLN B 26 18.59 -14.74 -18.65
C GLN B 26 18.60 -16.03 -17.84
N ARG B 27 19.73 -16.74 -17.86
CA ARG B 27 19.84 -18.04 -17.22
C ARG B 27 21.16 -18.12 -16.48
N VAL B 28 21.24 -19.08 -15.56
CA VAL B 28 22.45 -19.36 -14.80
C VAL B 28 22.81 -20.82 -15.02
N GLU B 29 24.09 -21.08 -15.29
CA GLU B 29 24.53 -22.45 -15.58
C GLU B 29 25.53 -22.99 -14.56
N GLN B 30 25.15 -24.04 -13.85
CA GLN B 30 26.09 -24.68 -12.93
C GLN B 30 26.84 -25.71 -13.73
N THR B 31 27.71 -25.27 -14.64
CA THR B 31 28.42 -26.20 -15.54
C THR B 31 28.56 -27.64 -15.02
N PRO B 32 29.38 -27.86 -13.97
CA PRO B 32 29.43 -29.24 -13.51
C PRO B 32 28.17 -29.55 -12.76
N THR B 33 27.11 -29.94 -13.45
CA THR B 33 25.81 -30.16 -12.80
C THR B 33 25.69 -31.56 -12.19
N THR B 34 26.58 -32.47 -12.57
CA THR B 34 26.55 -33.80 -11.98
C THR B 34 27.97 -34.30 -11.83
N THR B 35 28.25 -35.09 -10.80
CA THR B 35 29.62 -35.50 -10.56
C THR B 35 29.66 -36.53 -9.44
N THR B 36 30.60 -37.46 -9.55
CA THR B 36 30.80 -38.50 -8.56
C THR B 36 32.29 -38.64 -8.30
N LYS B 37 32.70 -38.51 -7.03
CA LYS B 37 34.10 -38.41 -6.69
C LYS B 37 34.34 -39.06 -5.32
N GLU B 38 35.56 -39.57 -5.14
CA GLU B 38 35.96 -40.26 -3.92
C GLU B 38 36.02 -39.30 -2.75
N ALA B 39 35.91 -39.86 -1.55
CA ALA B 39 36.07 -39.07 -0.33
C ALA B 39 37.52 -38.69 -0.13
N GLY B 40 37.74 -37.49 0.41
CA GLY B 40 39.06 -37.00 0.70
C GLY B 40 39.57 -36.58 -0.67
N GLU B 41 38.89 -35.70 -1.37
CA GLU B 41 39.40 -34.83 -2.42
C GLU B 41 38.62 -33.54 -2.26
N SER B 42 38.84 -32.61 -3.18
CA SER B 42 38.13 -31.34 -3.22
C SER B 42 37.42 -31.20 -4.55
N LEU B 43 36.29 -30.50 -4.54
CA LEU B 43 35.47 -30.31 -5.73
C LEU B 43 35.18 -28.84 -5.91
N THR B 44 35.22 -28.38 -7.17
CA THR B 44 34.94 -27.00 -7.52
C THR B 44 33.68 -26.95 -8.37
N ILE B 45 32.70 -26.16 -7.95
CA ILE B 45 31.46 -25.97 -8.69
C ILE B 45 31.36 -24.49 -9.04
N ASN B 46 31.22 -24.20 -10.34
CA ASN B 46 31.16 -22.83 -10.82
C ASN B 46 29.71 -22.44 -11.08
N CYS B 47 29.44 -21.14 -10.92
CA CYS B 47 28.11 -20.58 -11.14
C CYS B 47 28.26 -19.32 -11.98
N VAL B 48 27.70 -19.33 -13.18
CA VAL B 48 27.85 -18.24 -14.14
C VAL B 48 26.47 -17.74 -14.53
N LEU B 49 26.28 -16.43 -14.46
CA LEU B 49 25.04 -15.80 -14.91
C LEU B 49 25.20 -15.41 -16.36
N ARG B 50 24.25 -15.83 -17.21
CA ARG B 50 24.37 -15.69 -18.65
C ARG B 50 23.23 -14.84 -19.21
N ASP B 51 23.53 -14.13 -20.30
CA ASP B 51 22.54 -13.36 -21.07
C ASP B 51 21.97 -12.20 -20.27
N SER B 52 22.71 -11.68 -19.30
CA SER B 52 22.22 -10.62 -18.42
C SER B 52 22.96 -9.33 -18.71
N ALA B 53 22.20 -8.24 -18.91
CA ALA B 53 22.80 -6.92 -18.95
C ALA B 53 23.08 -6.37 -17.57
N CYS B 54 22.62 -7.05 -16.53
CA CYS B 54 22.83 -6.62 -15.15
C CYS B 54 24.04 -7.33 -14.55
N ALA B 55 24.84 -6.56 -13.82
CA ALA B 55 26.02 -7.10 -13.17
C ALA B 55 25.63 -7.95 -11.98
N LEU B 56 26.34 -9.07 -11.81
CA LEU B 56 26.13 -9.94 -10.66
C LEU B 56 26.50 -9.19 -9.39
N ASP B 57 25.69 -9.34 -8.35
CA ASP B 57 25.98 -8.69 -7.07
C ASP B 57 26.78 -9.62 -6.16
N ASN B 58 26.20 -10.76 -5.80
CA ASN B 58 26.91 -11.79 -5.05
C ASN B 58 26.10 -13.09 -5.14
N THR B 59 26.72 -14.18 -4.70
CA THR B 59 26.17 -15.51 -4.92
C THR B 59 25.97 -16.22 -3.59
N TYR B 60 24.79 -16.81 -3.43
CA TYR B 60 24.46 -17.66 -2.29
C TYR B 60 24.42 -19.12 -2.74
N TRP B 61 24.92 -20.00 -1.90
CA TRP B 61 25.01 -21.42 -2.21
C TRP B 61 24.15 -22.22 -1.24
N TYR B 62 23.33 -23.12 -1.79
CA TYR B 62 22.42 -23.94 -1.01
C TYR B 62 22.74 -25.41 -1.24
N PHE B 63 22.51 -26.22 -0.21
CA PHE B 63 22.79 -27.65 -0.25
C PHE B 63 21.55 -28.42 0.19
N THR B 64 21.27 -29.51 -0.52
CA THR B 64 20.20 -30.43 -0.15
C THR B 64 20.77 -31.83 -0.01
N LYS B 65 20.57 -32.42 1.17
CA LYS B 65 21.03 -33.78 1.42
C LYS B 65 20.18 -34.78 0.64
N LYS B 66 20.82 -35.82 0.11
CA LYS B 66 20.08 -36.83 -0.63
C LYS B 66 18.90 -37.32 0.20
N GLY B 67 17.76 -37.53 -0.46
CA GLY B 67 16.58 -37.94 0.27
C GLY B 67 15.94 -36.71 0.87
N ALA B 68 16.70 -35.96 1.66
CA ALA B 68 16.17 -34.74 2.24
C ALA B 68 15.81 -33.76 1.14
N THR B 69 14.90 -32.84 1.44
CA THR B 69 14.52 -31.83 0.46
C THR B 69 14.90 -30.47 0.99
N LYS B 70 14.97 -30.35 2.31
CA LYS B 70 15.34 -29.09 2.93
C LYS B 70 16.63 -28.55 2.34
N LYS B 71 16.67 -27.24 2.10
CA LYS B 71 17.90 -26.64 1.58
C LYS B 71 18.63 -25.95 2.72
N GLU B 72 19.94 -26.15 2.79
CA GLU B 72 20.78 -25.55 3.82
C GLU B 72 21.77 -24.58 3.16
N SER B 73 21.82 -23.37 3.69
CA SER B 73 22.73 -22.35 3.17
C SER B 73 24.15 -22.64 3.61
N LEU B 74 25.11 -22.31 2.75
CA LEU B 74 26.53 -22.49 3.04
C LEU B 74 27.19 -21.13 3.23
N SER B 75 28.22 -21.09 4.08
CA SER B 75 28.95 -19.87 4.36
C SER B 75 30.43 -20.07 4.11
N ASN B 76 31.12 -18.97 3.81
CA ASN B 76 32.57 -19.00 3.66
C ASN B 76 33.24 -19.45 4.95
N GLY B 77 34.20 -20.35 4.82
CA GLY B 77 34.91 -20.88 5.97
C GLY B 77 34.89 -22.40 5.97
N GLY B 78 35.55 -23.00 6.95
CA GLY B 78 35.61 -24.45 7.05
C GLY B 78 36.10 -25.08 5.78
N ARG B 79 35.32 -26.01 5.23
CA ARG B 79 35.72 -26.67 3.98
C ARG B 79 35.12 -25.97 2.79
N TYR B 80 34.31 -24.95 3.04
CA TYR B 80 33.64 -24.24 1.96
C TYR B 80 34.38 -22.95 1.66
N ALA B 81 34.81 -22.79 0.41
CA ALA B 81 35.49 -21.59 -0.05
C ALA B 81 34.87 -21.15 -1.36
N GLU B 82 34.20 -20.01 -1.36
CA GLU B 82 33.52 -19.49 -2.52
C GLU B 82 34.25 -18.27 -3.07
N THR B 83 34.50 -18.28 -4.38
CA THR B 83 35.16 -17.18 -5.07
C THR B 83 34.16 -16.52 -6.00
N VAL B 84 34.08 -15.19 -5.93
CA VAL B 84 33.12 -14.41 -6.70
C VAL B 84 33.88 -13.52 -7.68
N ASN B 85 33.52 -13.62 -8.95
CA ASN B 85 34.10 -12.78 -10.00
C ASN B 85 33.02 -11.83 -10.47
N LYS B 86 33.32 -10.53 -10.46
CA LYS B 86 32.33 -9.54 -10.83
C LYS B 86 32.39 -9.21 -12.31
N ALA B 87 33.60 -9.16 -12.89
CA ALA B 87 33.74 -8.78 -14.29
C ALA B 87 33.08 -9.80 -15.21
N SER B 88 33.25 -11.09 -14.92
CA SER B 88 32.71 -12.16 -15.74
C SER B 88 31.31 -12.57 -15.30
N LYS B 89 30.76 -11.95 -14.26
CA LYS B 89 29.47 -12.32 -13.70
C LYS B 89 29.43 -13.81 -13.37
N SER B 90 30.53 -14.29 -12.81
CA SER B 90 30.69 -15.71 -12.52
C SER B 90 31.12 -15.89 -11.07
N SER B 91 30.70 -17.01 -10.48
CA SER B 91 31.08 -17.37 -9.13
C SER B 91 31.35 -18.86 -9.10
N SER B 92 32.14 -19.28 -8.10
CA SER B 92 32.47 -20.68 -7.95
C SER B 92 32.62 -21.01 -6.47
N LEU B 93 32.18 -22.21 -6.11
CA LEU B 93 32.33 -22.72 -4.74
C LEU B 93 33.36 -23.84 -4.77
N ARG B 94 34.41 -23.70 -3.96
CA ARG B 94 35.40 -24.74 -3.80
C ARG B 94 35.10 -25.45 -2.48
N ILE B 95 34.54 -26.64 -2.57
CA ILE B 95 34.30 -27.48 -1.40
C ILE B 95 35.45 -28.49 -1.32
N SER B 96 36.14 -28.47 -0.20
CA SER B 96 37.35 -29.27 -0.03
C SER B 96 37.14 -30.33 1.04
N ASP B 97 37.93 -31.40 0.92
CA ASP B 97 37.90 -32.50 1.88
C ASP B 97 36.49 -33.08 1.99
N LEU B 98 36.07 -33.72 0.90
CA LEU B 98 34.73 -34.29 0.83
C LEU B 98 34.62 -35.58 1.62
N ARG B 99 33.61 -35.64 2.49
CA ARG B 99 33.16 -36.86 3.15
C ARG B 99 31.86 -37.35 2.55
N VAL B 100 31.37 -38.46 3.09
CA VAL B 100 30.18 -39.13 2.59
C VAL B 100 28.94 -38.25 2.79
N GLU B 101 28.80 -37.64 3.96
CA GLU B 101 27.62 -36.82 4.22
C GLU B 101 27.60 -35.55 3.38
N ASP B 102 28.72 -35.21 2.72
CA ASP B 102 28.75 -34.10 1.78
C ASP B 102 28.00 -34.41 0.49
N SER B 103 27.64 -35.67 0.29
CA SER B 103 26.93 -36.08 -0.91
C SER B 103 25.53 -35.48 -0.96
N GLY B 104 25.27 -34.66 -1.97
CA GLY B 104 23.98 -34.01 -2.12
C GLY B 104 23.95 -33.05 -3.29
N THR B 105 22.81 -32.39 -3.48
CA THR B 105 22.65 -31.44 -4.58
C THR B 105 23.03 -30.03 -4.13
N TYR B 106 23.95 -29.41 -4.88
CA TYR B 106 24.40 -28.07 -4.57
C TYR B 106 23.75 -27.08 -5.53
N HIS B 107 23.24 -25.98 -4.99
CA HIS B 107 22.57 -24.99 -5.82
C HIS B 107 23.17 -23.61 -5.61
N CYS B 108 23.40 -22.89 -6.71
CA CYS B 108 23.89 -21.53 -6.56
C CYS B 108 22.74 -20.57 -6.74
N LYS B 109 22.77 -19.44 -6.04
CA LYS B 109 21.65 -18.51 -6.05
C LYS B 109 22.18 -17.12 -6.36
N ALA B 110 22.00 -16.68 -7.61
CA ALA B 110 22.66 -15.48 -8.10
C ALA B 110 21.84 -14.23 -7.77
N TYR B 111 22.51 -13.09 -7.73
CA TYR B 111 21.91 -11.80 -7.39
C TYR B 111 22.36 -10.76 -8.41
N THR B 112 21.42 -9.89 -8.78
CA THR B 112 21.74 -8.79 -9.68
C THR B 112 21.38 -7.52 -8.93
N ALA B 113 22.19 -6.48 -9.08
CA ALA B 113 21.95 -5.22 -8.38
C ALA B 113 22.41 -4.03 -9.23
N GLY B 114 22.39 -2.85 -8.63
CA GLY B 114 22.80 -1.64 -9.31
C GLY B 114 21.62 -0.74 -9.66
N ILE B 115 21.87 0.29 -10.46
CA ILE B 115 20.82 1.22 -10.85
C ILE B 115 19.97 0.65 -11.97
N GLY B 116 18.68 0.46 -11.70
CA GLY B 116 17.76 -0.08 -12.68
C GLY B 116 17.90 -1.58 -12.85
N CYS B 117 18.71 -2.19 -11.99
CA CYS B 117 18.93 -3.64 -12.04
C CYS B 117 18.26 -4.30 -10.85
N TRP B 118 17.17 -5.03 -11.12
CA TRP B 118 16.39 -5.68 -10.08
C TRP B 118 17.21 -6.66 -9.27
N ASN B 119 16.96 -6.66 -7.95
CA ASN B 119 17.51 -7.67 -7.05
C ASN B 119 16.78 -8.99 -7.27
N ILE B 120 17.39 -9.88 -8.04
CA ILE B 120 16.72 -11.09 -8.48
C ILE B 120 17.42 -12.30 -7.88
N PHE B 121 16.64 -13.36 -7.67
CA PHE B 121 17.17 -14.69 -7.40
C PHE B 121 17.28 -15.43 -8.73
N TYR B 122 18.48 -15.86 -9.08
CA TYR B 122 18.68 -16.79 -10.18
C TYR B 122 19.17 -18.12 -9.62
N GLU B 123 18.38 -19.16 -9.83
CA GLU B 123 18.71 -20.49 -9.38
C GLU B 123 19.25 -21.30 -10.54
N GLY B 124 20.44 -21.86 -10.35
CA GLY B 124 21.05 -22.68 -11.38
C GLY B 124 20.43 -24.05 -11.46
N GLY B 125 20.95 -24.86 -12.39
CA GLY B 125 20.44 -26.21 -12.57
C GLY B 125 20.72 -27.15 -11.42
N GLY B 126 21.67 -26.82 -10.56
CA GLY B 126 21.99 -27.70 -9.46
C GLY B 126 23.05 -28.71 -9.84
N THR B 127 23.82 -29.14 -8.84
CA THR B 127 24.89 -30.11 -9.03
C THR B 127 24.74 -31.22 -7.99
N ILE B 128 24.39 -32.42 -8.47
CA ILE B 128 24.27 -33.58 -7.61
C ILE B 128 25.65 -34.23 -7.49
N LEU B 129 26.12 -34.40 -6.27
CA LEU B 129 27.44 -34.96 -5.99
C LEU B 129 27.26 -36.25 -5.21
N THR B 130 27.93 -37.30 -5.65
CA THR B 130 27.96 -38.58 -4.94
C THR B 130 29.37 -38.85 -4.47
N VAL B 131 29.52 -39.07 -3.16
CA VAL B 131 30.82 -39.35 -2.55
C VAL B 131 30.81 -40.78 -2.02
N LYS B 132 31.77 -41.58 -2.47
CA LYS B 132 31.85 -42.97 -2.03
C LYS B 132 33.01 -43.15 -1.05
O1' UD1 C . -10.55 -2.16 1.02
N1 UD1 C . -11.08 -8.79 3.23
C2 UD1 C . -10.35 -9.36 4.29
N3 UD1 C . -10.95 -9.61 5.46
C4 UD1 C . -12.25 -9.32 5.63
C5 UD1 C . -12.99 -8.77 4.60
C6 UD1 C . -12.37 -8.51 3.38
O2 UD1 C . -9.13 -9.62 4.15
O4 UD1 C . -12.80 -9.58 6.73
C1B UD1 C . -10.43 -8.51 1.95
C2B UD1 C . -11.48 -8.38 0.86
O2' UD1 C . -11.28 -9.40 -0.12
C3B UD1 C . -11.34 -6.98 0.30
C4B UD1 C . -10.24 -6.30 1.12
O4B UD1 C . -9.72 -7.27 2.03
O3B UD1 C . -10.96 -6.97 -1.08
C5B UD1 C . -10.76 -5.10 1.90
O5B UD1 C . -11.94 -4.60 1.27
PA UD1 C . -12.82 -3.45 1.99
O1A UD1 C . -11.96 -2.80 3.05
O2A UD1 C . -14.16 -4.04 2.36
O3A UD1 C . -13.05 -2.39 0.80
PB UD1 C . -11.81 -1.52 0.25
O1B UD1 C . -11.99 -0.10 0.74
O2B UD1 C . -11.67 -1.79 -1.23
MN MN D . -15.66 -3.95 -2.97
#